data_7O6I
#
_entry.id   7O6I
#
_cell.length_a   82.662
_cell.length_b   112.582
_cell.length_c   62.687
_cell.angle_alpha   90.000
_cell.angle_beta   90.000
_cell.angle_gamma   90.000
#
_symmetry.space_group_name_H-M   'C 2 2 21'
#
loop_
_entity.id
_entity.type
_entity.pdbx_description
1 polymer '14-3-3 protein sigma'
2 polymer 'Transcription factor p65'
3 non-polymer 'CHLORIDE ION'
4 non-polymer '[5-methanoyl-2-[oxidanyl(oxidanylidene)-$l^{4}-azanyl]phenyl] 2-methyl-6-(trifluoromethyl)pyridine-3-carboxylate'
5 non-polymer 'CALCIUM ION'
6 water water
#
loop_
_entity_poly.entity_id
_entity_poly.type
_entity_poly.pdbx_seq_one_letter_code
_entity_poly.pdbx_strand_id
1 'polypeptide(L)'
;GAMGSMERASLIQKAKLAEQAERYEDMAAFMKGAVEKGEELS(CSO)EERNLLSVAYKNVVGGQRAAWRVLSSIEQKSNE
EGSEEKGPEVREYREKVETELQGVCDTVLGLLDSHLIKEAGDAESRVFYLKMKGDYYRYLAEVATGDDKKRIIDSARSAY
QEAMDISKKEMPPTNPIRLGLALNFSVFHYEIANSPEEAISLAKTTFDEAMADLHTLSEDSYKDSTLIMQLLRDNLTLWT
;
A
2 'polypeptide(L)' EGRSAG(SEP)IPGRRS P
#
loop_
_chem_comp.id
_chem_comp.type
_chem_comp.name
_chem_comp.formula
CA non-polymer 'CALCIUM ION' 'Ca 2'
CL non-polymer 'CHLORIDE ION' 'Cl -1'
V4B non-polymer '[5-methanoyl-2-[oxidanyl(oxidanylidene)-$l^{4}-azanyl]phenyl] 2-methyl-6-(trifluoromethyl)pyridine-3-carboxylate' 'C15 H9 F3 N2 O5'
#
# COMPACT_ATOMS: atom_id res chain seq x y z
N ALA A 2 14.90 -18.75 1.59
CA ALA A 2 16.26 -18.79 1.05
C ALA A 2 17.18 -17.88 1.83
N MET A 3 16.60 -17.06 2.72
CA MET A 3 17.35 -16.12 3.53
C MET A 3 17.54 -16.60 4.97
N GLY A 4 17.20 -17.86 5.26
CA GLY A 4 17.29 -18.34 6.63
C GLY A 4 18.71 -18.34 7.19
N SER A 5 19.71 -18.47 6.33
CA SER A 5 21.09 -18.53 6.80
C SER A 5 21.77 -17.17 6.92
N MET A 6 21.12 -16.08 6.51
CA MET A 6 21.73 -14.76 6.58
C MET A 6 21.26 -14.01 7.81
N GLU A 7 22.19 -13.28 8.43
CA GLU A 7 21.87 -12.47 9.62
C GLU A 7 20.77 -11.46 9.32
N ARG A 8 19.91 -11.24 10.31
CA ARG A 8 18.90 -10.18 10.19
C ARG A 8 19.52 -8.84 9.80
N ALA A 9 20.60 -8.43 10.48
CA ALA A 9 21.20 -7.14 10.18
C ALA A 9 21.76 -7.10 8.77
N SER A 10 22.30 -8.23 8.29
CA SER A 10 22.81 -8.28 6.92
C SER A 10 21.68 -8.19 5.90
N LEU A 11 20.54 -8.82 6.19
CA LEU A 11 19.40 -8.69 5.29
C LEU A 11 18.93 -7.25 5.19
N ILE A 12 18.89 -6.55 6.32
CA ILE A 12 18.48 -5.14 6.31
C ILE A 12 19.48 -4.30 5.53
N GLN A 13 20.78 -4.51 5.77
CA GLN A 13 21.79 -3.75 5.05
C GLN A 13 21.72 -4.01 3.54
N LYS A 14 21.52 -5.28 3.14
CA LYS A 14 21.39 -5.58 1.72
C LYS A 14 20.10 -5.04 1.13
N ALA A 15 19.01 -4.99 1.90
CA ALA A 15 17.81 -4.33 1.39
C ALA A 15 18.06 -2.87 1.07
N LYS A 16 18.83 -2.19 1.91
CA LYS A 16 19.17 -0.80 1.63
C LYS A 16 20.05 -0.69 0.39
N LEU A 17 20.98 -1.62 0.23
CA LEU A 17 21.81 -1.63 -0.97
C LEU A 17 20.97 -1.87 -2.22
N ALA A 18 20.03 -2.81 -2.14
CA ALA A 18 19.19 -3.12 -3.29
C ALA A 18 18.33 -1.94 -3.70
N GLU A 19 17.85 -1.16 -2.73
CA GLU A 19 17.10 0.03 -3.08
C GLU A 19 17.96 1.03 -3.85
N GLN A 20 19.19 1.24 -3.40
CA GLN A 20 20.11 2.13 -4.11
C GLN A 20 20.40 1.63 -5.53
N ALA A 21 20.46 0.32 -5.71
CA ALA A 21 20.69 -0.27 -7.02
C ALA A 21 19.40 -0.43 -7.81
N GLU A 22 18.26 -0.03 -7.25
CA GLU A 22 16.95 -0.19 -7.89
C GLU A 22 16.69 -1.66 -8.25
N ARG A 23 17.09 -2.55 -7.35
CA ARG A 23 16.85 -3.99 -7.49
C ARG A 23 15.75 -4.36 -6.50
N TYR A 24 14.50 -4.05 -6.87
CA TYR A 24 13.43 -4.11 -5.88
C TYR A 24 12.95 -5.52 -5.60
N GLU A 25 13.11 -6.44 -6.56
N GLU A 25 13.10 -6.44 -6.56
CA GLU A 25 12.80 -7.84 -6.27
CA GLU A 25 12.80 -7.85 -6.25
C GLU A 25 13.76 -8.39 -5.22
C GLU A 25 13.76 -8.39 -5.20
N ASP A 26 15.05 -8.08 -5.34
CA ASP A 26 16.02 -8.42 -4.30
C ASP A 26 15.64 -7.79 -2.97
N MET A 27 15.39 -6.48 -3.00
CA MET A 27 14.95 -5.75 -1.80
C MET A 27 13.78 -6.44 -1.11
N ALA A 28 12.78 -6.85 -1.88
CA ALA A 28 11.62 -7.52 -1.27
C ALA A 28 12.02 -8.86 -0.67
N ALA A 29 12.84 -9.63 -1.37
CA ALA A 29 13.27 -10.91 -0.83
C ALA A 29 14.09 -10.74 0.45
N PHE A 30 14.95 -9.71 0.48
CA PHE A 30 15.72 -9.45 1.69
C PHE A 30 14.81 -9.08 2.85
N MET A 31 13.79 -8.27 2.59
CA MET A 31 12.98 -7.85 3.71
C MET A 31 11.99 -8.94 4.12
N LYS A 32 11.57 -9.78 3.18
CA LYS A 32 10.82 -10.98 3.56
C LYS A 32 11.63 -11.84 4.50
N GLY A 33 12.90 -12.06 4.17
CA GLY A 33 13.78 -12.80 5.07
C GLY A 33 13.91 -12.15 6.43
N ALA A 34 14.00 -10.81 6.47
CA ALA A 34 14.11 -10.09 7.73
C ALA A 34 12.85 -10.26 8.57
N VAL A 35 11.68 -10.15 7.95
CA VAL A 35 10.42 -10.38 8.67
C VAL A 35 10.40 -11.79 9.25
N GLU A 36 10.83 -12.78 8.46
CA GLU A 36 10.75 -14.17 8.89
C GLU A 36 11.73 -14.52 10.00
N LYS A 37 12.62 -13.60 10.37
CA LYS A 37 13.42 -13.80 11.58
C LYS A 37 12.55 -13.77 12.84
N GLY A 38 11.34 -13.24 12.76
CA GLY A 38 10.39 -13.31 13.83
C GLY A 38 10.34 -12.08 14.73
N GLU A 39 11.34 -11.21 14.66
CA GLU A 39 11.34 -10.01 15.47
C GLU A 39 10.45 -8.94 14.85
N GLU A 40 9.93 -8.06 15.70
CA GLU A 40 9.17 -6.91 15.22
C GLU A 40 10.08 -5.99 14.41
N LEU A 41 9.47 -5.15 13.58
CA LEU A 41 10.22 -4.27 12.70
C LEU A 41 10.20 -2.85 13.24
N SER A 42 11.31 -2.15 13.08
CA SER A 42 11.39 -0.74 13.46
C SER A 42 10.68 0.11 12.42
N CSO A 43 10.58 1.41 12.71
CA CSO A 43 9.93 2.34 11.80
CB CSO A 43 9.94 3.75 12.42
SG CSO A 43 9.24 4.97 11.28
C CSO A 43 10.66 2.34 10.45
O CSO A 43 10.02 2.22 9.40
OD CSO A 43 10.53 5.67 10.28
N GLU A 44 11.98 2.45 10.48
CA GLU A 44 12.78 2.41 9.26
C GLU A 44 12.60 1.08 8.52
N GLU A 45 12.60 -0.02 9.28
CA GLU A 45 12.49 -1.34 8.66
C GLU A 45 11.11 -1.55 8.04
N ARG A 46 10.04 -1.06 8.69
CA ARG A 46 8.72 -1.13 8.08
C ARG A 46 8.70 -0.41 6.73
N ASN A 47 9.35 0.75 6.66
CA ASN A 47 9.33 1.50 5.42
C ASN A 47 10.12 0.79 4.32
N LEU A 48 11.21 0.11 4.68
CA LEU A 48 11.94 -0.68 3.70
C LEU A 48 11.07 -1.80 3.15
N LEU A 49 10.36 -2.51 4.03
CA LEU A 49 9.43 -3.55 3.59
C LEU A 49 8.41 -2.98 2.62
N SER A 50 7.79 -1.86 3.00
CA SER A 50 6.75 -1.25 2.18
C SER A 50 7.28 -0.80 0.82
N VAL A 51 8.43 -0.12 0.82
CA VAL A 51 8.98 0.40 -0.44
C VAL A 51 9.31 -0.75 -1.39
N ALA A 52 9.87 -1.85 -0.86
CA ALA A 52 10.28 -2.96 -1.69
C ALA A 52 9.08 -3.57 -2.42
N TYR A 53 8.04 -3.92 -1.68
CA TYR A 53 6.91 -4.58 -2.30
C TYR A 53 6.07 -3.62 -3.12
N LYS A 54 6.06 -2.33 -2.75
CA LYS A 54 5.33 -1.35 -3.52
C LYS A 54 5.89 -1.23 -4.93
N ASN A 55 7.22 -1.29 -5.05
CA ASN A 55 7.86 -1.23 -6.35
C ASN A 55 7.63 -2.51 -7.14
N VAL A 56 7.72 -3.67 -6.49
CA VAL A 56 7.52 -4.93 -7.18
C VAL A 56 6.09 -5.01 -7.73
N VAL A 57 5.10 -4.82 -6.85
CA VAL A 57 3.72 -4.92 -7.29
C VAL A 57 3.38 -3.77 -8.23
N GLY A 58 4.06 -2.63 -8.10
CA GLY A 58 3.78 -1.52 -9.00
C GLY A 58 4.16 -1.82 -10.44
N GLY A 59 5.28 -2.50 -10.64
CA GLY A 59 5.63 -2.93 -11.99
C GLY A 59 4.66 -3.96 -12.53
N GLN A 60 4.18 -4.86 -11.67
CA GLN A 60 3.21 -5.87 -12.11
C GLN A 60 1.87 -5.23 -12.44
N ARG A 61 1.43 -4.27 -11.63
CA ARG A 61 0.17 -3.58 -11.92
C ARG A 61 0.26 -2.82 -13.23
N ALA A 62 1.38 -2.12 -13.46
CA ALA A 62 1.56 -1.40 -14.72
C ALA A 62 1.51 -2.36 -15.91
N ALA A 63 2.17 -3.51 -15.79
CA ALA A 63 2.16 -4.48 -16.89
C ALA A 63 0.78 -5.08 -17.10
N TRP A 64 0.08 -5.39 -16.01
CA TRP A 64 -1.27 -5.94 -16.12
C TRP A 64 -2.21 -4.97 -16.83
N ARG A 65 -2.10 -3.67 -16.55
CA ARG A 65 -2.97 -2.71 -17.20
C ARG A 65 -2.68 -2.61 -18.70
N VAL A 66 -1.40 -2.65 -19.07
CA VAL A 66 -1.05 -2.64 -20.49
C VAL A 66 -1.66 -3.84 -21.19
N LEU A 67 -1.49 -5.02 -20.59
CA LEU A 67 -1.98 -6.25 -21.23
C LEU A 67 -3.50 -6.32 -21.22
N SER A 68 -4.12 -5.86 -20.14
N SER A 68 -4.13 -5.87 -20.13
CA SER A 68 -5.58 -5.86 -20.08
CA SER A 68 -5.58 -5.86 -20.08
C SER A 68 -6.17 -4.94 -21.14
C SER A 68 -6.15 -4.95 -21.15
N SER A 69 -5.52 -3.80 -21.38
CA SER A 69 -5.99 -2.89 -22.42
C SER A 69 -5.86 -3.50 -23.81
N ILE A 70 -4.73 -4.15 -24.08
CA ILE A 70 -4.58 -4.84 -25.36
C ILE A 70 -5.63 -5.95 -25.49
N GLU A 71 -5.90 -6.66 -24.39
CA GLU A 71 -6.87 -7.75 -24.43
C GLU A 71 -8.27 -7.23 -24.72
N GLN A 72 -8.67 -6.11 -24.11
CA GLN A 72 -9.99 -5.56 -24.36
C GLN A 72 -10.13 -5.05 -25.80
N LYS A 73 -9.05 -4.51 -26.37
CA LYS A 73 -9.09 -4.07 -27.76
C LYS A 73 -9.31 -5.26 -28.70
N SER A 74 -8.72 -6.42 -28.37
CA SER A 74 -8.88 -7.61 -29.21
C SER A 74 -10.30 -8.18 -29.14
N ASN A 75 -11.07 -7.83 -28.13
CA ASN A 75 -12.43 -8.34 -28.00
C ASN A 75 -13.46 -7.28 -28.36
N GLY A 83 -5.58 -15.05 -31.43
CA GLY A 83 -5.24 -16.24 -30.67
C GLY A 83 -5.34 -16.02 -29.19
N PRO A 84 -5.03 -17.06 -28.41
CA PRO A 84 -5.14 -16.96 -26.95
C PRO A 84 -3.96 -16.29 -26.27
N GLU A 85 -3.00 -15.75 -27.02
CA GLU A 85 -1.72 -15.37 -26.43
C GLU A 85 -1.88 -14.19 -25.47
N VAL A 86 -2.61 -13.15 -25.88
CA VAL A 86 -2.76 -11.97 -25.03
C VAL A 86 -3.44 -12.34 -23.72
N ARG A 87 -4.52 -13.12 -23.80
CA ARG A 87 -5.19 -13.57 -22.58
C ARG A 87 -4.27 -14.44 -21.73
N GLU A 88 -3.56 -15.37 -22.37
CA GLU A 88 -2.65 -16.24 -21.61
C GLU A 88 -1.59 -15.44 -20.87
N TYR A 89 -1.00 -14.44 -21.55
CA TYR A 89 0.09 -13.69 -20.94
C TYR A 89 -0.44 -12.76 -19.85
N ARG A 90 -1.61 -12.15 -20.08
CA ARG A 90 -2.24 -11.36 -19.02
C ARG A 90 -2.51 -12.22 -17.80
N GLU A 91 -3.03 -13.44 -18.00
CA GLU A 91 -3.27 -14.35 -16.89
C GLU A 91 -1.98 -14.67 -16.14
N LYS A 92 -0.88 -14.87 -16.86
CA LYS A 92 0.39 -15.17 -16.21
C LYS A 92 0.85 -14.02 -15.32
N VAL A 93 0.84 -12.80 -15.86
CA VAL A 93 1.19 -11.63 -15.07
C VAL A 93 0.23 -11.47 -13.90
N GLU A 94 -1.06 -11.65 -14.15
CA GLU A 94 -2.05 -11.54 -13.08
C GLU A 94 -1.78 -12.56 -11.98
N THR A 95 -1.45 -13.79 -12.34
CA THR A 95 -1.15 -14.81 -11.33
C THR A 95 0.10 -14.45 -10.54
N GLU A 96 1.12 -13.89 -11.21
N GLU A 96 1.11 -13.88 -11.21
CA GLU A 96 2.32 -13.49 -10.49
CA GLU A 96 2.32 -13.48 -10.53
C GLU A 96 2.03 -12.34 -9.54
C GLU A 96 2.04 -12.34 -9.55
N LEU A 97 1.23 -11.37 -9.98
CA LEU A 97 0.81 -10.28 -9.10
C LEU A 97 0.07 -10.80 -7.88
N GLN A 98 -0.88 -11.71 -8.10
CA GLN A 98 -1.64 -12.26 -6.98
C GLN A 98 -0.72 -12.99 -6.00
N GLY A 99 0.32 -13.64 -6.50
CA GLY A 99 1.24 -14.32 -5.61
C GLY A 99 2.02 -13.36 -4.74
N VAL A 100 2.43 -12.22 -5.30
CA VAL A 100 3.12 -11.19 -4.53
C VAL A 100 2.20 -10.62 -3.45
N CYS A 101 0.96 -10.30 -3.82
CA CYS A 101 0.02 -9.79 -2.83
C CYS A 101 -0.21 -10.81 -1.72
N ASP A 102 -0.41 -12.08 -2.08
CA ASP A 102 -0.61 -13.14 -1.10
C ASP A 102 0.60 -13.26 -0.17
N THR A 103 1.80 -13.07 -0.72
CA THR A 103 3.00 -13.16 0.10
C THR A 103 3.03 -12.04 1.13
N VAL A 104 2.74 -10.81 0.71
CA VAL A 104 2.71 -9.67 1.64
C VAL A 104 1.63 -9.88 2.69
N LEU A 105 0.43 -10.25 2.25
CA LEU A 105 -0.65 -10.50 3.21
C LEU A 105 -0.28 -11.60 4.19
N GLY A 106 0.45 -12.61 3.72
CA GLY A 106 0.88 -13.67 4.62
C GLY A 106 1.88 -13.19 5.66
N LEU A 107 2.76 -12.25 5.27
CA LEU A 107 3.70 -11.69 6.24
C LEU A 107 2.97 -10.88 7.29
N LEU A 108 1.97 -10.09 6.87
CA LEU A 108 1.19 -9.31 7.82
C LEU A 108 0.44 -10.22 8.78
N ASP A 109 -0.07 -11.34 8.28
CA ASP A 109 -0.86 -12.27 9.09
C ASP A 109 0.01 -13.20 9.92
N SER A 110 1.30 -13.33 9.58
CA SER A 110 2.20 -14.28 10.25
C SER A 110 3.59 -13.64 10.39
N HIS A 111 3.77 -12.76 11.37
CA HIS A 111 2.78 -12.43 12.40
C HIS A 111 2.87 -10.94 12.74
N LEU A 112 3.08 -10.11 11.71
CA LEU A 112 3.39 -8.70 11.95
C LEU A 112 2.25 -7.99 12.67
N ILE A 113 1.01 -8.21 12.22
CA ILE A 113 -0.12 -7.44 12.75
C ILE A 113 -0.40 -7.83 14.20
N LYS A 114 -0.42 -9.13 14.49
CA LYS A 114 -0.80 -9.56 15.84
C LYS A 114 0.21 -9.13 16.89
N GLU A 115 1.47 -8.91 16.49
CA GLU A 115 2.46 -8.42 17.43
C GLU A 115 2.63 -6.91 17.39
N ALA A 116 1.84 -6.19 16.61
CA ALA A 116 1.97 -4.74 16.52
C ALA A 116 1.01 -4.08 17.50
N GLY A 117 1.57 -3.50 18.57
CA GLY A 117 0.76 -2.91 19.62
C GLY A 117 0.72 -1.39 19.62
N ASP A 118 1.77 -0.76 19.14
CA ASP A 118 1.77 0.70 19.03
C ASP A 118 0.92 1.13 17.85
N ALA A 119 0.29 2.30 18.00
CA ALA A 119 -0.54 2.83 16.93
C ALA A 119 0.23 2.97 15.62
N GLU A 120 1.48 3.42 15.68
CA GLU A 120 2.19 3.70 14.44
C GLU A 120 2.56 2.42 13.69
N SER A 121 2.88 1.34 14.40
CA SER A 121 3.09 0.07 13.71
C SER A 121 1.77 -0.57 13.29
N ARG A 122 0.77 -0.56 14.18
CA ARG A 122 -0.48 -1.26 13.85
C ARG A 122 -1.20 -0.60 12.68
N VAL A 123 -1.29 0.74 12.69
CA VAL A 123 -1.92 1.45 11.58
C VAL A 123 -1.15 1.21 10.29
N PHE A 124 0.18 1.22 10.36
CA PHE A 124 1.00 1.00 9.17
C PHE A 124 0.70 -0.35 8.54
N TYR A 125 0.64 -1.41 9.35
CA TYR A 125 0.41 -2.74 8.80
C TYR A 125 -1.01 -2.89 8.29
N LEU A 126 -2.00 -2.32 9.00
CA LEU A 126 -3.37 -2.45 8.55
C LEU A 126 -3.60 -1.68 7.26
N LYS A 127 -2.98 -0.51 7.13
CA LYS A 127 -3.00 0.18 5.84
C LYS A 127 -2.40 -0.68 4.75
N MET A 128 -1.26 -1.32 5.04
CA MET A 128 -0.66 -2.26 4.09
C MET A 128 -1.63 -3.36 3.69
N LYS A 129 -2.33 -3.92 4.69
CA LYS A 129 -3.28 -4.98 4.41
C LYS A 129 -4.39 -4.49 3.49
N GLY A 130 -4.90 -3.29 3.75
CA GLY A 130 -5.90 -2.72 2.86
C GLY A 130 -5.36 -2.50 1.46
N ASP A 131 -4.13 -2.02 1.35
CA ASP A 131 -3.53 -1.76 0.03
C ASP A 131 -3.43 -3.05 -0.79
N TYR A 132 -2.93 -4.13 -0.18
CA TYR A 132 -2.68 -5.31 -1.00
C TYR A 132 -3.96 -6.10 -1.27
N TYR A 133 -4.97 -6.00 -0.43
CA TYR A 133 -6.29 -6.47 -0.85
C TYR A 133 -6.86 -5.60 -1.96
N ARG A 134 -6.59 -4.28 -1.92
CA ARG A 134 -7.02 -3.41 -3.01
C ARG A 134 -6.38 -3.81 -4.33
N TYR A 135 -5.09 -4.16 -4.30
CA TYR A 135 -4.44 -4.60 -5.53
C TYR A 135 -5.03 -5.91 -6.02
N LEU A 136 -5.37 -6.82 -5.10
CA LEU A 136 -6.09 -8.03 -5.50
C LEU A 136 -7.44 -7.68 -6.11
N ALA A 137 -8.13 -6.69 -5.54
CA ALA A 137 -9.46 -6.32 -6.06
C ALA A 137 -9.38 -5.73 -7.45
N GLU A 138 -8.27 -5.06 -7.78
CA GLU A 138 -8.13 -4.44 -9.11
C GLU A 138 -8.22 -5.48 -10.23
N VAL A 139 -7.79 -6.71 -9.96
CA VAL A 139 -7.77 -7.76 -10.98
C VAL A 139 -8.84 -8.82 -10.73
N ALA A 140 -9.63 -8.69 -9.67
CA ALA A 140 -10.62 -9.69 -9.34
C ALA A 140 -11.85 -9.57 -10.23
N THR A 141 -12.37 -10.72 -10.66
CA THR A 141 -13.56 -10.77 -11.50
C THR A 141 -14.53 -11.88 -11.13
N GLY A 142 -14.14 -12.86 -10.32
CA GLY A 142 -14.95 -14.02 -10.03
C GLY A 142 -15.85 -13.86 -8.82
N ASP A 143 -16.17 -14.99 -8.20
CA ASP A 143 -17.10 -15.02 -7.08
C ASP A 143 -16.50 -14.51 -5.77
N ASP A 144 -15.23 -14.11 -5.77
CA ASP A 144 -14.59 -13.62 -4.57
C ASP A 144 -14.23 -12.15 -4.64
N LYS A 145 -14.59 -11.45 -5.73
CA LYS A 145 -14.26 -10.03 -5.82
C LYS A 145 -14.94 -9.24 -4.72
N LYS A 146 -16.20 -9.59 -4.40
CA LYS A 146 -16.89 -8.90 -3.31
C LYS A 146 -16.19 -9.15 -1.97
N ARG A 147 -15.78 -10.39 -1.71
CA ARG A 147 -15.11 -10.69 -0.45
C ARG A 147 -13.75 -10.02 -0.37
N ILE A 148 -13.04 -9.92 -1.49
CA ILE A 148 -11.77 -9.20 -1.50
C ILE A 148 -11.98 -7.74 -1.20
N ILE A 149 -13.00 -7.13 -1.79
CA ILE A 149 -13.27 -5.72 -1.55
C ILE A 149 -13.61 -5.49 -0.08
N ASP A 150 -14.40 -6.39 0.51
CA ASP A 150 -14.74 -6.23 1.91
C ASP A 150 -13.52 -6.44 2.82
N SER A 151 -12.61 -7.33 2.41
CA SER A 151 -11.37 -7.49 3.17
C SER A 151 -10.55 -6.21 3.15
N ALA A 152 -10.45 -5.56 1.99
CA ALA A 152 -9.74 -4.29 1.92
C ALA A 152 -10.43 -3.24 2.79
N ARG A 153 -11.75 -3.12 2.67
N ARG A 153 -11.75 -3.11 2.66
CA ARG A 153 -12.49 -2.13 3.44
CA ARG A 153 -12.49 -2.13 3.44
C ARG A 153 -12.31 -2.35 4.93
C ARG A 153 -12.30 -2.35 4.94
N SER A 154 -12.38 -3.61 5.39
CA SER A 154 -12.29 -3.90 6.81
C SER A 154 -10.92 -3.53 7.37
N ALA A 155 -9.86 -3.81 6.62
CA ALA A 155 -8.52 -3.46 7.07
C ALA A 155 -8.33 -1.95 7.13
N TYR A 156 -8.72 -1.24 6.07
CA TYR A 156 -8.66 0.21 6.08
C TYR A 156 -9.47 0.79 7.22
N GLN A 157 -10.67 0.26 7.46
CA GLN A 157 -11.53 0.82 8.49
C GLN A 157 -10.94 0.66 9.88
N GLU A 158 -10.37 -0.50 10.19
CA GLU A 158 -9.75 -0.67 11.50
C GLU A 158 -8.58 0.29 11.64
N ALA A 159 -7.77 0.43 10.59
CA ALA A 159 -6.67 1.40 10.61
C ALA A 159 -7.18 2.82 10.84
N MET A 160 -8.27 3.20 10.15
CA MET A 160 -8.83 4.52 10.31
C MET A 160 -9.25 4.75 11.76
N ASP A 161 -9.96 3.77 12.34
CA ASP A 161 -10.44 3.90 13.72
C ASP A 161 -9.28 4.14 14.68
N ILE A 162 -8.19 3.38 14.54
CA ILE A 162 -7.06 3.55 15.44
C ILE A 162 -6.41 4.91 15.22
N SER A 163 -6.23 5.32 13.96
CA SER A 163 -5.51 6.56 13.67
C SER A 163 -6.27 7.78 14.18
N LYS A 164 -7.61 7.75 14.10
CA LYS A 164 -8.39 8.87 14.61
C LYS A 164 -8.31 8.97 16.13
N LYS A 165 -8.20 7.83 16.81
CA LYS A 165 -8.09 7.84 18.27
C LYS A 165 -6.69 8.17 18.75
N GLU A 166 -5.66 7.74 18.01
CA GLU A 166 -4.30 7.73 18.53
C GLU A 166 -3.31 8.64 17.82
N MET A 167 -3.68 9.26 16.71
CA MET A 167 -2.72 10.07 15.98
C MET A 167 -3.26 11.48 15.77
N PRO A 168 -2.39 12.48 15.68
CA PRO A 168 -2.85 13.82 15.30
C PRO A 168 -3.25 13.84 13.83
N PRO A 169 -4.10 14.80 13.42
CA PRO A 169 -4.60 14.81 12.04
C PRO A 169 -3.52 15.04 10.99
N THR A 170 -2.34 15.50 11.37
CA THR A 170 -1.25 15.74 10.42
C THR A 170 -0.28 14.57 10.34
N ASN A 171 -0.45 13.54 11.16
CA ASN A 171 0.46 12.41 11.14
C ASN A 171 0.56 11.83 9.73
N PRO A 172 1.76 11.74 9.14
CA PRO A 172 1.85 11.29 7.75
C PRO A 172 1.27 9.91 7.48
N ILE A 173 1.36 8.99 8.45
CA ILE A 173 0.76 7.68 8.26
C ILE A 173 -0.77 7.80 8.22
N ARG A 174 -1.33 8.61 9.12
CA ARG A 174 -2.77 8.83 9.11
C ARG A 174 -3.22 9.49 7.80
N LEU A 175 -2.44 10.44 7.30
CA LEU A 175 -2.79 11.12 6.05
C LEU A 175 -2.72 10.17 4.86
N GLY A 176 -1.66 9.36 4.79
CA GLY A 176 -1.53 8.43 3.68
C GLY A 176 -2.56 7.32 3.72
N LEU A 177 -2.94 6.89 4.93
CA LEU A 177 -4.04 5.95 5.06
C LEU A 177 -5.33 6.53 4.49
N ALA A 178 -5.66 7.76 4.88
CA ALA A 178 -6.90 8.36 4.39
C ALA A 178 -6.84 8.58 2.89
N LEU A 179 -5.68 8.99 2.38
CA LEU A 179 -5.51 9.13 0.93
C LEU A 179 -5.84 7.82 0.21
N ASN A 180 -5.23 6.72 0.64
CA ASN A 180 -5.42 5.44 -0.05
C ASN A 180 -6.83 4.89 0.18
N PHE A 181 -7.40 5.09 1.37
CA PHE A 181 -8.78 4.68 1.60
C PHE A 181 -9.72 5.48 0.69
N SER A 182 -9.41 6.76 0.48
N SER A 182 -9.42 6.76 0.47
CA SER A 182 -10.20 7.57 -0.45
CA SER A 182 -10.24 7.54 -0.46
C SER A 182 -10.11 7.02 -1.86
C SER A 182 -10.12 7.01 -1.88
N VAL A 183 -8.91 6.59 -2.27
CA VAL A 183 -8.74 6.00 -3.60
C VAL A 183 -9.50 4.68 -3.68
N PHE A 184 -9.48 3.90 -2.59
CA PHE A 184 -10.30 2.70 -2.52
C PHE A 184 -11.77 3.01 -2.79
N HIS A 185 -12.30 4.03 -2.11
CA HIS A 185 -13.70 4.39 -2.30
C HIS A 185 -13.98 4.77 -3.74
N TYR A 186 -13.08 5.54 -4.35
CA TYR A 186 -13.33 6.06 -5.69
C TYR A 186 -13.13 4.99 -6.76
N GLU A 187 -12.04 4.23 -6.67
CA GLU A 187 -11.65 3.35 -7.76
C GLU A 187 -12.20 1.93 -7.61
N ILE A 188 -12.41 1.47 -6.38
CA ILE A 188 -12.76 0.08 -6.13
C ILE A 188 -14.22 -0.06 -5.71
N ALA A 189 -14.66 0.74 -4.74
CA ALA A 189 -15.96 0.57 -4.11
C ALA A 189 -17.07 1.31 -4.83
N ASN A 190 -16.78 2.04 -5.90
CA ASN A 190 -17.79 2.80 -6.65
C ASN A 190 -18.53 3.77 -5.71
N SER A 191 -17.78 4.43 -4.84
CA SER A 191 -18.33 5.40 -3.89
C SER A 191 -17.56 6.72 -4.02
N PRO A 192 -17.69 7.40 -5.16
CA PRO A 192 -16.92 8.64 -5.33
C PRO A 192 -17.29 9.73 -4.34
N GLU A 193 -18.53 9.76 -3.88
CA GLU A 193 -18.92 10.79 -2.90
C GLU A 193 -18.23 10.54 -1.56
N GLU A 194 -18.15 9.27 -1.15
CA GLU A 194 -17.41 8.96 0.07
C GLU A 194 -15.93 9.28 -0.10
N ALA A 195 -15.39 9.02 -1.29
CA ALA A 195 -14.00 9.34 -1.56
C ALA A 195 -13.73 10.83 -1.43
N ILE A 196 -14.60 11.66 -2.01
CA ILE A 196 -14.42 13.11 -1.95
C ILE A 196 -14.58 13.61 -0.53
N SER A 197 -15.58 13.10 0.18
CA SER A 197 -15.83 13.57 1.55
C SER A 197 -14.67 13.23 2.47
N LEU A 198 -14.13 12.02 2.35
CA LEU A 198 -12.98 11.67 3.17
C LEU A 198 -11.78 12.55 2.86
N ALA A 199 -11.50 12.78 1.57
CA ALA A 199 -10.34 13.58 1.21
C ALA A 199 -10.47 15.01 1.70
N LYS A 200 -11.66 15.61 1.57
CA LYS A 200 -11.89 16.98 2.04
C LYS A 200 -11.75 17.08 3.56
N THR A 201 -12.45 16.21 4.28
CA THR A 201 -12.37 16.23 5.74
C THR A 201 -10.95 16.00 6.22
N THR A 202 -10.23 15.06 5.59
CA THR A 202 -8.84 14.81 5.97
C THR A 202 -7.98 16.04 5.75
N PHE A 203 -8.13 16.67 4.58
CA PHE A 203 -7.33 17.85 4.26
C PHE A 203 -7.62 18.99 5.24
N ASP A 204 -8.91 19.25 5.49
CA ASP A 204 -9.29 20.38 6.33
C ASP A 204 -8.83 20.19 7.77
N GLU A 205 -8.94 18.96 8.30
CA GLU A 205 -8.51 18.75 9.68
C GLU A 205 -6.98 18.79 9.79
N ALA A 206 -6.26 18.38 8.75
CA ALA A 206 -4.81 18.53 8.77
C ALA A 206 -4.41 19.99 8.70
N MET A 207 -5.09 20.77 7.86
CA MET A 207 -4.75 22.18 7.70
C MET A 207 -4.83 22.90 9.05
N ALA A 208 -5.85 22.56 9.85
CA ALA A 208 -6.06 23.22 11.13
C ALA A 208 -5.04 22.79 12.20
N ASP A 209 -4.30 21.71 11.95
CA ASP A 209 -3.31 21.20 12.90
C ASP A 209 -1.89 21.56 12.50
N LEU A 210 -1.69 22.19 11.33
CA LEU A 210 -0.34 22.46 10.85
C LEU A 210 0.42 23.42 11.77
N HIS A 211 -0.30 24.32 12.46
CA HIS A 211 0.36 25.30 13.30
C HIS A 211 1.16 24.68 14.44
N THR A 212 0.91 23.40 14.75
CA THR A 212 1.59 22.71 15.84
C THR A 212 2.93 22.11 15.43
N LEU A 213 3.26 22.12 14.15
CA LEU A 213 4.36 21.32 13.62
C LEU A 213 5.64 22.13 13.46
N SER A 214 6.77 21.43 13.56
CA SER A 214 8.06 21.97 13.19
C SER A 214 8.16 22.12 11.66
N GLU A 215 9.20 22.83 11.24
CA GLU A 215 9.43 23.03 9.80
C GLU A 215 9.53 21.71 9.06
N ASP A 216 10.20 20.71 9.66
CA ASP A 216 10.38 19.44 8.98
C ASP A 216 9.09 18.64 8.94
N SER A 217 8.35 18.61 10.05
CA SER A 217 7.07 17.90 10.08
C SER A 217 6.04 18.59 9.18
N TYR A 218 6.08 19.92 9.14
CA TYR A 218 5.23 20.68 8.24
C TYR A 218 5.43 20.25 6.79
N LYS A 219 6.68 20.11 6.37
CA LYS A 219 6.96 19.68 5.01
C LYS A 219 6.44 18.26 4.76
N ASP A 220 6.62 17.36 5.72
CA ASP A 220 6.14 15.99 5.58
C ASP A 220 4.64 15.95 5.38
N SER A 221 3.89 16.71 6.19
CA SER A 221 2.44 16.64 6.14
C SER A 221 1.89 17.35 4.91
N THR A 222 2.41 18.53 4.58
CA THR A 222 1.85 19.26 3.45
C THR A 222 2.10 18.53 2.14
N LEU A 223 3.18 17.74 2.05
CA LEU A 223 3.40 16.95 0.85
C LEU A 223 2.23 16.00 0.61
N ILE A 224 1.78 15.32 1.66
CA ILE A 224 0.68 14.37 1.49
C ILE A 224 -0.65 15.10 1.33
N MET A 225 -0.82 16.25 2.00
CA MET A 225 -2.03 17.03 1.77
C MET A 225 -2.14 17.45 0.32
N GLN A 226 -1.01 17.73 -0.34
CA GLN A 226 -1.06 18.09 -1.75
C GLN A 226 -1.60 16.94 -2.59
N LEU A 227 -1.25 15.70 -2.23
CA LEU A 227 -1.79 14.55 -2.94
C LEU A 227 -3.30 14.44 -2.76
N LEU A 228 -3.80 14.71 -1.54
CA LEU A 228 -5.24 14.77 -1.35
C LEU A 228 -5.87 15.84 -2.21
N ARG A 229 -5.25 17.02 -2.27
CA ARG A 229 -5.80 18.10 -3.09
C ARG A 229 -5.76 17.75 -4.57
N ASP A 230 -4.69 17.07 -5.02
CA ASP A 230 -4.60 16.65 -6.42
C ASP A 230 -5.75 15.74 -6.79
N ASN A 231 -6.11 14.81 -5.90
CA ASN A 231 -7.23 13.90 -6.18
C ASN A 231 -8.55 14.65 -6.21
N LEU A 232 -8.76 15.56 -5.25
CA LEU A 232 -9.99 16.34 -5.23
C LEU A 232 -10.15 17.16 -6.51
N THR A 233 -9.04 17.73 -7.00
CA THR A 233 -9.09 18.46 -8.26
C THR A 233 -9.51 17.56 -9.40
N LEU A 234 -9.03 16.32 -9.41
CA LEU A 234 -9.40 15.38 -10.46
C LEU A 234 -10.84 14.91 -10.31
N TRP A 235 -11.34 14.82 -9.08
CA TRP A 235 -12.65 14.24 -8.80
C TRP A 235 -13.79 15.24 -8.81
N THR A 236 -13.48 16.54 -8.78
CA THR A 236 -14.53 17.55 -8.73
C THR A 236 -14.38 18.57 -9.85
N ALA B 5 -6.60 8.77 -10.34
CA ALA B 5 -6.30 9.24 -8.99
C ALA B 5 -5.04 8.59 -8.44
N GLY B 6 -4.33 9.32 -7.61
CA GLY B 6 -3.08 8.84 -7.07
C GLY B 6 -3.15 8.37 -5.62
N SEP B 7 -2.75 7.12 -5.40
CA SEP B 7 -2.48 6.64 -4.06
CB SEP B 7 -2.48 5.12 -4.03
OG SEP B 7 -1.43 4.69 -4.88
C SEP B 7 -1.13 7.17 -3.63
O SEP B 7 -0.46 7.86 -4.40
P SEP B 7 -1.48 3.12 -5.18
O1P SEP B 7 -2.81 2.75 -5.99
O2P SEP B 7 -0.18 2.83 -6.07
O3P SEP B 7 -1.41 2.30 -3.80
N ILE B 8 -0.70 6.83 -2.42
CA ILE B 8 0.64 7.18 -1.97
C ILE B 8 1.64 6.52 -2.92
N PRO B 9 2.51 7.32 -3.55
CA PRO B 9 3.51 6.71 -4.47
C PRO B 9 4.32 5.62 -3.80
N GLY B 10 4.93 5.91 -2.65
CA GLY B 10 5.44 4.85 -1.79
C GLY B 10 6.58 4.04 -2.35
N ARG B 11 7.34 4.58 -3.32
CA ARG B 11 8.36 3.79 -3.99
C ARG B 11 9.79 4.25 -3.69
N ARG B 12 9.98 5.18 -2.75
CA ARG B 12 11.32 5.69 -2.47
C ARG B 12 11.56 5.76 -0.97
N SER B 13 12.80 5.50 -0.56
CA SER B 13 13.23 5.55 0.84
C SER B 13 12.55 4.47 1.68
CL CL C . 2.20 -16.93 -21.18
C01 V4B D . 7.82 7.00 -0.97
C02 V4B D . 8.15 7.95 0.17
C03 V4B D . 7.61 7.83 1.46
C04 V4B D . 6.59 6.74 1.83
C06 V4B D . 4.24 7.21 2.64
C07 V4B D . 4.12 8.35 3.46
C11 V4B D . 3.08 8.41 4.39
C12 V4B D . 2.16 7.39 4.51
C13 V4B D . 2.26 6.28 3.70
C14 V4B D . 1.25 5.14 3.82
C15 V4B D . 3.30 6.21 2.78
C17 V4B D . 7.98 8.74 2.44
C18 V4B D . 8.87 9.73 2.09
C19 V4B D . 9.38 9.78 0.80
C20 V4B D . 10.37 10.87 0.39
F21 V4B D . 9.67 12.00 0.07
F22 V4B D . 11.22 11.13 1.42
F23 V4B D . 11.07 10.46 -0.72
N08 V4B D . 5.00 9.49 3.44
N24 V4B D . 9.00 8.91 -0.11
O05 V4B D . 5.22 7.05 1.62
O09 V4B D . 5.58 9.93 2.24
O10 V4B D . 5.22 10.06 4.45
O16 V4B D . 6.93 5.68 2.24
CA CA E . 21.36 -13.79 14.36
CL CL F . 4.57 -5.65 20.29
#